data_6BSM
#
_entry.id   6BSM
#
_cell.length_a   101.789
_cell.length_b   101.789
_cell.length_c   101.789
_cell.angle_alpha   90.000
_cell.angle_beta   90.000
_cell.angle_gamma   90.000
#
_symmetry.space_group_name_H-M   'P 21 3'
#
loop_
_entity.id
_entity.type
_entity.pdbx_description
1 polymer 'Bone morphogenetic protein 1'
2 non-polymer 'ZINC ION'
3 non-polymer N-({[(2R)-2-{[hydroxy(hydroxymethyl)amino]methyl}heptanoyl]amino}methyl)-7-methoxy-1-benzofuran-2-carboxamide
4 water water
#
_entity_poly.entity_id   1
_entity_poly.type   'polypeptide(L)'
_entity_poly.pdbx_seq_one_letter_code
;(ACE)AATSRPERVWPDGVIPFVIGGNFTGSQRAVFRQAMRHWEKHTCVTFLERTDEDSYIVFTYRPCGCCSYVGRRGGG
PQAISIGKNCDKFGIVVHELGHVVGFWHEHTRPDRDRHVSIVRENIQPGQEYNFLKMEPQEVESLGETYDFDSIMHYARN
TFSRGIFLDTIVPKYEVNGVKPPIGQRTRLSKGDIAQARKLYKCP
;
_entity_poly.pdbx_strand_id   A
#
# COMPACT_ATOMS: atom_id res chain seq x y z
N ALA A 2 -0.43 7.70 -4.70
CA ALA A 2 -0.60 6.97 -5.98
C ALA A 2 -1.91 6.23 -5.92
N ALA A 3 -2.98 6.97 -5.69
CA ALA A 3 -4.32 6.43 -5.69
C ALA A 3 -4.70 6.17 -7.13
N THR A 4 -5.34 5.02 -7.37
CA THR A 4 -5.84 4.69 -8.70
C THR A 4 -6.80 5.76 -9.22
N SER A 5 -6.70 6.01 -10.52
CA SER A 5 -7.62 6.88 -11.27
C SER A 5 -8.89 6.15 -11.70
N ARG A 6 -8.92 4.84 -11.54
CA ARG A 6 -9.97 4.01 -12.11
C ARG A 6 -11.11 3.83 -11.12
N PRO A 7 -12.28 4.40 -11.41
CA PRO A 7 -13.38 4.30 -10.45
C PRO A 7 -13.89 2.86 -10.22
N GLU A 8 -13.75 1.99 -11.22
CA GLU A 8 -14.14 0.58 -11.04
C GLU A 8 -13.26 -0.17 -10.01
N ARG A 9 -12.07 0.32 -9.73
CA ARG A 9 -11.22 -0.26 -8.67
C ARG A 9 -11.52 0.24 -7.24
N VAL A 10 -12.32 1.30 -7.11
CA VAL A 10 -12.75 1.77 -5.80
C VAL A 10 -13.89 0.83 -5.38
N TRP A 11 -13.70 0.17 -4.23
CA TRP A 11 -14.70 -0.76 -3.71
C TRP A 11 -16.01 -0.02 -3.43
N PRO A 12 -17.12 -0.42 -4.10
CA PRO A 12 -18.41 0.28 -3.92
C PRO A 12 -18.85 0.39 -2.46
N ASP A 13 -19.28 1.60 -2.07
CA ASP A 13 -19.74 1.88 -0.71
C ASP A 13 -18.67 1.72 0.39
N GLY A 14 -17.40 1.52 0.02
CA GLY A 14 -16.33 1.28 0.97
C GLY A 14 -16.44 0.01 1.80
N VAL A 15 -17.18 -0.99 1.31
CA VAL A 15 -17.33 -2.23 2.03
C VAL A 15 -16.55 -3.33 1.31
N ILE A 16 -15.61 -3.94 2.03
CA ILE A 16 -14.68 -4.91 1.44
C ILE A 16 -14.86 -6.28 2.12
N PRO A 17 -15.48 -7.24 1.41
CA PRO A 17 -15.58 -8.58 1.98
C PRO A 17 -14.23 -9.27 1.97
N PHE A 18 -13.99 -10.10 2.96
CA PHE A 18 -12.71 -10.77 3.11
C PHE A 18 -12.87 -12.21 3.57
N VAL A 19 -11.87 -13.01 3.23
CA VAL A 19 -11.70 -14.36 3.73
C VAL A 19 -10.25 -14.50 4.15
N ILE A 20 -10.03 -15.16 5.28
CA ILE A 20 -8.69 -15.55 5.69
C ILE A 20 -8.48 -17.02 5.35
N GLY A 21 -7.50 -17.28 4.49
CA GLY A 21 -7.14 -18.63 4.07
C GLY A 21 -6.44 -19.45 5.13
N GLY A 22 -6.12 -20.70 4.78
CA GLY A 22 -5.41 -21.60 5.68
C GLY A 22 -3.92 -21.32 5.75
N ASN A 23 -3.25 -22.08 6.62
CA ASN A 23 -1.77 -22.04 6.81
C ASN A 23 -1.23 -20.80 7.52
N PHE A 24 -2.10 -20.09 8.25
CA PHE A 24 -1.64 -19.03 9.13
C PHE A 24 -1.74 -19.51 10.57
N THR A 25 -0.96 -18.91 11.45
CA THR A 25 -1.13 -19.07 12.89
C THR A 25 -2.26 -18.17 13.39
N GLY A 26 -2.79 -18.50 14.57
CA GLY A 26 -3.77 -17.65 15.26
C GLY A 26 -3.30 -16.22 15.37
N SER A 27 -2.04 -16.06 15.74
CA SER A 27 -1.42 -14.76 15.90
C SER A 27 -1.39 -13.93 14.60
N GLN A 28 -1.04 -14.56 13.49
CA GLN A 28 -1.07 -13.91 12.17
C GLN A 28 -2.47 -13.45 11.79
N ARG A 29 -3.49 -14.26 12.09
CA ARG A 29 -4.88 -13.91 11.85
C ARG A 29 -5.34 -12.73 12.73
N ALA A 30 -4.86 -12.69 13.97
CA ALA A 30 -5.17 -11.58 14.86
C ALA A 30 -4.63 -10.25 14.31
N VAL A 31 -3.42 -10.31 13.79
CA VAL A 31 -2.77 -9.14 13.19
C VAL A 31 -3.57 -8.67 11.98
N PHE A 32 -4.05 -9.61 11.16
CA PHE A 32 -4.87 -9.20 10.01
C PHE A 32 -6.06 -8.37 10.43
N ARG A 33 -6.75 -8.83 11.48
CA ARG A 33 -7.94 -8.15 11.97
C ARG A 33 -7.59 -6.79 12.55
N GLN A 34 -6.47 -6.72 13.26
CA GLN A 34 -6.00 -5.46 13.81
C GLN A 34 -5.67 -4.45 12.70
N ALA A 35 -5.06 -4.95 11.62
CA ALA A 35 -4.70 -4.09 10.50
C ALA A 35 -5.95 -3.61 9.79
N MET A 36 -6.93 -4.50 9.63
CA MET A 36 -8.20 -4.09 9.04
C MET A 36 -8.91 -3.07 9.92
N ARG A 37 -8.88 -3.28 11.23
CA ARG A 37 -9.47 -2.34 12.17
C ARG A 37 -8.80 -0.99 12.21
N HIS A 38 -7.49 -0.95 12.01
CA HIS A 38 -6.76 0.30 11.90
C HIS A 38 -7.27 1.14 10.71
N TRP A 39 -7.52 0.48 9.58
CA TRP A 39 -8.15 1.15 8.44
C TRP A 39 -9.54 1.65 8.78
N GLU A 40 -10.29 0.83 9.50
CA GLU A 40 -11.68 1.13 9.89
C GLU A 40 -11.74 2.32 10.85
N LYS A 41 -10.74 2.45 11.71
CA LYS A 41 -10.70 3.47 12.72
C LYS A 41 -10.53 4.89 12.15
N HIS A 42 -9.77 5.00 11.07
CA HIS A 42 -9.38 6.29 10.54
C HIS A 42 -10.09 6.66 9.23
N THR A 43 -10.81 5.72 8.63
CA THR A 43 -11.57 5.97 7.40
C THR A 43 -12.96 5.35 7.52
N CYS A 44 -13.79 5.60 6.51
CA CYS A 44 -15.12 4.95 6.40
C CYS A 44 -15.10 3.52 5.77
N VAL A 45 -13.91 3.04 5.42
CA VAL A 45 -13.74 1.70 4.85
C VAL A 45 -14.02 0.66 5.93
N THR A 46 -14.73 -0.41 5.55
CA THR A 46 -15.09 -1.45 6.49
CA THR A 46 -15.14 -1.45 6.47
C THR A 46 -14.92 -2.81 5.85
N PHE A 47 -14.34 -3.71 6.62
CA PHE A 47 -14.11 -5.08 6.22
C PHE A 47 -15.17 -5.97 6.86
N LEU A 48 -15.69 -6.88 6.05
CA LEU A 48 -16.84 -7.71 6.38
C LEU A 48 -16.51 -9.14 6.00
N GLU A 49 -16.73 -10.08 6.91
CA GLU A 49 -16.54 -11.49 6.58
C GLU A 49 -17.43 -11.85 5.40
N ARG A 50 -16.81 -12.44 4.40
CA ARG A 50 -17.49 -12.78 3.16
C ARG A 50 -18.56 -13.87 3.35
N THR A 51 -19.76 -13.63 2.81
CA THR A 51 -20.81 -14.64 2.75
C THR A 51 -21.03 -15.09 1.31
N ASP A 52 -21.81 -14.35 0.53
CA ASP A 52 -22.15 -14.72 -0.86
C ASP A 52 -21.68 -13.73 -1.93
N GLU A 53 -20.85 -12.75 -1.55
CA GLU A 53 -20.42 -11.68 -2.48
C GLU A 53 -19.51 -12.26 -3.59
N ASP A 54 -19.69 -11.76 -4.82
CA ASP A 54 -18.85 -12.15 -5.98
C ASP A 54 -17.40 -11.71 -5.80
N SER A 55 -17.20 -10.45 -5.41
CA SER A 55 -15.89 -9.86 -5.27
C SER A 55 -15.49 -9.75 -3.81
N TYR A 56 -14.32 -10.28 -3.49
CA TYR A 56 -13.81 -10.27 -2.12
C TYR A 56 -12.31 -10.52 -2.10
N ILE A 57 -11.65 -10.14 -1.01
CA ILE A 57 -10.21 -10.37 -0.85
C ILE A 57 -9.96 -11.65 -0.06
N VAL A 58 -8.84 -12.31 -0.34
CA VAL A 58 -8.42 -13.50 0.36
C VAL A 58 -6.98 -13.32 0.83
N PHE A 59 -6.79 -13.38 2.14
CA PHE A 59 -5.47 -13.46 2.74
C PHE A 59 -4.90 -14.83 2.41
N THR A 60 -3.81 -14.83 1.64
CA THR A 60 -3.18 -16.07 1.15
C THR A 60 -1.73 -16.19 1.63
N TYR A 61 -1.37 -17.37 2.14
CA TYR A 61 0.01 -17.67 2.51
C TYR A 61 0.88 -17.83 1.25
N ARG A 62 1.93 -17.02 1.15
CA ARG A 62 2.74 -16.90 -0.06
C ARG A 62 4.08 -16.25 0.31
N PRO A 63 5.17 -16.63 -0.35
CA PRO A 63 6.43 -15.95 -0.05
C PRO A 63 6.38 -14.43 -0.32
N CYS A 64 7.21 -13.70 0.42
CA CYS A 64 7.18 -12.25 0.44
C CYS A 64 7.47 -11.63 -0.90
N GLY A 65 6.73 -10.57 -1.19
CA GLY A 65 6.82 -9.83 -2.46
C GLY A 65 5.53 -10.02 -3.22
N CYS A 66 5.66 -10.48 -4.47
CA CYS A 66 4.52 -10.63 -5.37
C CYS A 66 3.40 -11.52 -4.77
N CYS A 67 2.12 -11.15 -4.87
CA CYS A 67 1.60 -9.83 -5.29
C CYS A 67 0.29 -9.60 -4.57
N SER A 68 -0.02 -8.34 -4.28
CA SER A 68 -1.34 -7.98 -3.80
C SER A 68 -2.01 -7.08 -4.84
N TYR A 69 -3.17 -7.52 -5.31
CA TYR A 69 -3.92 -6.80 -6.33
C TYR A 69 -4.30 -5.42 -5.77
N VAL A 70 -4.20 -4.40 -6.63
CA VAL A 70 -4.43 -3.01 -6.23
C VAL A 70 -5.85 -2.62 -6.56
N GLY A 71 -6.63 -2.30 -5.55
CA GLY A 71 -8.02 -1.97 -5.77
C GLY A 71 -8.84 -3.23 -6.00
N ARG A 72 -10.10 -3.03 -6.36
CA ARG A 72 -11.03 -4.13 -6.59
C ARG A 72 -10.84 -4.72 -7.99
N ARG A 73 -10.54 -6.01 -8.06
CA ARG A 73 -10.40 -6.71 -9.33
C ARG A 73 -11.77 -6.84 -9.98
N GLY A 74 -12.72 -7.40 -9.23
CA GLY A 74 -14.08 -7.56 -9.70
C GLY A 74 -14.30 -8.92 -10.34
N GLY A 75 -15.51 -9.43 -10.19
CA GLY A 75 -15.94 -10.69 -10.80
C GLY A 75 -15.34 -11.95 -10.20
N GLY A 76 -14.90 -11.89 -8.95
CA GLY A 76 -14.24 -13.02 -8.29
C GLY A 76 -13.28 -12.64 -7.18
N PRO A 77 -12.63 -13.64 -6.56
CA PRO A 77 -11.67 -13.40 -5.48
C PRO A 77 -10.39 -12.70 -5.94
N GLN A 78 -9.71 -12.03 -5.02
CA GLN A 78 -8.40 -11.46 -5.30
C GLN A 78 -7.51 -11.68 -4.11
N ALA A 79 -6.22 -11.76 -4.37
CA ALA A 79 -5.25 -12.10 -3.34
C ALA A 79 -4.69 -10.86 -2.65
N ILE A 80 -4.57 -10.99 -1.33
CA ILE A 80 -3.65 -10.14 -0.55
C ILE A 80 -2.66 -11.15 0.03
N SER A 81 -1.43 -11.12 -0.48
CA SER A 81 -0.41 -12.16 -0.20
CA SER A 81 -0.42 -12.16 -0.20
C SER A 81 0.46 -11.76 0.99
N ILE A 82 0.57 -12.69 1.95
CA ILE A 82 1.34 -12.49 3.17
C ILE A 82 2.20 -13.74 3.43
N GLY A 83 3.44 -13.53 3.85
CA GLY A 83 4.36 -14.61 4.24
C GLY A 83 5.07 -14.37 5.56
N LYS A 84 5.79 -15.39 6.01
CA LYS A 84 6.51 -15.42 7.31
C LYS A 84 7.31 -14.16 7.64
N ASN A 85 8.01 -13.61 6.67
CA ASN A 85 8.88 -12.43 6.94
C ASN A 85 8.24 -11.06 6.67
N CYS A 86 6.96 -11.03 6.33
CA CYS A 86 6.29 -9.79 5.91
C CYS A 86 4.84 -9.82 6.38
N ASP A 87 4.67 -10.05 7.67
CA ASP A 87 3.35 -10.25 8.28
C ASP A 87 3.08 -9.41 9.54
N LYS A 88 4.01 -8.49 9.88
CA LYS A 88 3.80 -7.58 11.00
C LYS A 88 2.69 -6.58 10.65
N PHE A 89 2.08 -6.05 11.71
CA PHE A 89 0.95 -5.14 11.63
C PHE A 89 1.11 -4.11 10.52
N GLY A 90 2.20 -3.36 10.57
CA GLY A 90 2.46 -2.26 9.65
C GLY A 90 2.60 -2.66 8.20
N ILE A 91 3.15 -3.85 7.96
CA ILE A 91 3.28 -4.40 6.62
C ILE A 91 1.87 -4.71 6.08
N VAL A 92 1.05 -5.35 6.90
CA VAL A 92 -0.32 -5.71 6.51
C VAL A 92 -1.15 -4.45 6.22
N VAL A 93 -0.97 -3.40 7.02
CA VAL A 93 -1.65 -2.14 6.77
C VAL A 93 -1.26 -1.59 5.37
N HIS A 94 0.02 -1.65 5.03
CA HIS A 94 0.53 -1.27 3.70
C HIS A 94 -0.13 -2.11 2.63
N GLU A 95 -0.18 -3.41 2.85
CA GLU A 95 -0.80 -4.32 1.90
C GLU A 95 -2.29 -4.04 1.68
N LEU A 96 -3.00 -3.70 2.75
CA LEU A 96 -4.39 -3.26 2.64
C LEU A 96 -4.52 -1.92 1.93
N GLY A 97 -3.47 -1.09 2.00
CA GLY A 97 -3.36 0.09 1.14
C GLY A 97 -3.50 -0.25 -0.33
N HIS A 98 -2.84 -1.32 -0.76
CA HIS A 98 -2.98 -1.84 -2.11
C HIS A 98 -4.42 -2.28 -2.35
N VAL A 99 -4.97 -3.05 -1.41
CA VAL A 99 -6.34 -3.54 -1.58
C VAL A 99 -7.33 -2.40 -1.85
N VAL A 100 -7.18 -1.29 -1.13
CA VAL A 100 -8.18 -0.24 -1.18
C VAL A 100 -8.00 0.66 -2.40
N GLY A 101 -6.83 0.58 -3.04
CA GLY A 101 -6.59 1.23 -4.33
C GLY A 101 -5.33 2.09 -4.46
N PHE A 102 -4.32 1.89 -3.60
CA PHE A 102 -3.06 2.63 -3.68
C PHE A 102 -1.92 1.81 -4.25
N TRP A 103 -1.17 2.42 -5.17
CA TRP A 103 0.14 1.93 -5.59
C TRP A 103 1.18 2.55 -4.66
N HIS A 104 2.45 2.22 -4.89
CA HIS A 104 3.51 2.75 -4.05
C HIS A 104 3.69 4.24 -4.28
N GLU A 105 3.87 4.99 -3.18
CA GLU A 105 3.96 6.45 -3.26
C GLU A 105 5.10 6.90 -4.18
N HIS A 106 6.21 6.18 -4.17
CA HIS A 106 7.37 6.53 -4.98
C HIS A 106 7.11 6.40 -6.51
N THR A 107 6.01 5.74 -6.91
CA THR A 107 5.60 5.62 -8.30
C THR A 107 4.57 6.69 -8.76
N ARG A 108 4.22 7.64 -7.90
CA ARG A 108 3.38 8.79 -8.33
C ARG A 108 3.98 9.43 -9.60
N PRO A 109 3.14 9.83 -10.57
CA PRO A 109 3.66 10.51 -11.78
C PRO A 109 4.53 11.75 -11.53
N ASP A 110 4.29 12.45 -10.41
CA ASP A 110 5.08 13.61 -10.02
C ASP A 110 6.27 13.31 -9.10
N ARG A 111 6.63 12.03 -8.96
CA ARG A 111 7.65 11.61 -8.00
C ARG A 111 9.03 12.25 -8.24
N ASP A 112 9.37 12.52 -9.50
CA ASP A 112 10.67 13.10 -9.83
C ASP A 112 10.88 14.51 -9.26
N ARG A 113 9.81 15.18 -8.84
CA ARG A 113 9.94 16.45 -8.13
C ARG A 113 10.29 16.29 -6.66
N HIS A 114 10.14 15.08 -6.12
CA HIS A 114 10.32 14.83 -4.70
C HIS A 114 11.41 13.85 -4.30
N VAL A 115 11.71 12.88 -5.16
CA VAL A 115 12.76 11.91 -4.88
C VAL A 115 13.67 11.66 -6.09
N SER A 116 14.90 11.25 -5.80
CA SER A 116 15.82 10.73 -6.79
C SER A 116 15.83 9.21 -6.65
N ILE A 117 15.86 8.52 -7.79
CA ILE A 117 16.13 7.09 -7.84
C ILE A 117 17.62 6.93 -8.16
N VAL A 118 18.32 6.15 -7.34
CA VAL A 118 19.72 5.84 -7.56
C VAL A 118 19.82 4.45 -8.19
N ARG A 119 19.73 4.39 -9.53
CA ARG A 119 19.68 3.13 -10.28
C ARG A 119 20.81 2.15 -9.94
N GLU A 120 22.02 2.67 -9.85
CA GLU A 120 23.22 1.83 -9.62
C GLU A 120 23.22 1.01 -8.30
N ASN A 121 22.44 1.45 -7.32
CA ASN A 121 22.27 0.74 -6.04
C ASN A 121 21.13 -0.30 -6.00
N ILE A 122 20.34 -0.41 -7.07
CA ILE A 122 19.24 -1.37 -7.10
C ILE A 122 19.76 -2.79 -7.36
N GLN A 123 19.32 -3.75 -6.53
CA GLN A 123 19.54 -5.17 -6.78
C GLN A 123 19.20 -5.57 -8.23
N PRO A 124 20.03 -6.41 -8.87
CA PRO A 124 19.76 -6.81 -10.25
C PRO A 124 18.38 -7.44 -10.45
N GLY A 125 17.68 -7.00 -11.50
CA GLY A 125 16.36 -7.54 -11.82
C GLY A 125 15.21 -7.06 -10.96
N GLN A 126 15.45 -6.05 -10.12
CA GLN A 126 14.43 -5.45 -9.28
C GLN A 126 14.11 -4.00 -9.69
N GLU A 127 14.62 -3.56 -10.84
CA GLU A 127 14.47 -2.17 -11.29
C GLU A 127 13.02 -1.79 -11.62
N TYR A 128 12.24 -2.77 -12.09
CA TYR A 128 10.82 -2.55 -12.43
C TYR A 128 9.97 -2.01 -11.25
N ASN A 129 10.42 -2.27 -10.01
CA ASN A 129 9.80 -1.75 -8.80
C ASN A 129 9.94 -0.22 -8.64
N PHE A 130 10.75 0.41 -9.49
CA PHE A 130 10.98 1.83 -9.38
C PHE A 130 10.38 2.61 -10.54
N LEU A 131 9.60 1.94 -11.40
CA LEU A 131 8.96 2.59 -12.55
C LEU A 131 7.82 3.50 -12.12
N LYS A 132 7.80 4.73 -12.66
CA LYS A 132 6.65 5.64 -12.49
C LYS A 132 5.38 5.02 -13.05
N MET A 133 4.25 5.30 -12.39
CA MET A 133 2.94 5.02 -12.97
C MET A 133 2.72 6.03 -14.11
N GLU A 134 1.99 5.61 -15.13
CA GLU A 134 1.56 6.52 -16.20
C GLU A 134 0.53 7.50 -15.61
N PRO A 135 0.57 8.80 -15.99
CA PRO A 135 -0.34 9.82 -15.48
C PRO A 135 -1.84 9.45 -15.49
N GLN A 136 -2.26 8.76 -16.55
CA GLN A 136 -3.66 8.33 -16.68
C GLN A 136 -4.11 7.26 -15.66
N GLU A 137 -3.17 6.53 -15.05
CA GLU A 137 -3.48 5.47 -14.05
C GLU A 137 -3.58 5.95 -12.60
N VAL A 138 -3.26 7.21 -12.33
CA VAL A 138 -3.26 7.75 -10.97
C VAL A 138 -4.04 9.06 -10.91
N GLU A 139 -4.84 9.21 -9.86
CA GLU A 139 -5.48 10.47 -9.55
C GLU A 139 -5.24 10.75 -8.08
N SER A 140 -4.33 11.70 -7.81
CA SER A 140 -3.90 11.99 -6.43
C SER A 140 -4.87 12.79 -5.60
N LEU A 141 -5.91 13.36 -6.23
CA LEU A 141 -7.01 14.04 -5.54
C LEU A 141 -6.55 15.31 -4.82
N GLY A 142 -5.65 16.05 -5.47
CA GLY A 142 -5.09 17.27 -4.90
C GLY A 142 -4.16 17.08 -3.69
N GLU A 143 -3.74 15.85 -3.41
CA GLU A 143 -2.94 15.58 -2.22
C GLU A 143 -1.47 15.57 -2.60
N THR A 144 -0.66 16.26 -1.80
CA THR A 144 0.78 16.36 -2.07
C THR A 144 1.45 15.04 -1.81
N TYR A 145 2.62 14.89 -2.46
CA TYR A 145 3.50 13.73 -2.28
C TYR A 145 3.80 13.57 -0.79
N ASP A 146 3.61 12.36 -0.27
CA ASP A 146 3.62 12.11 1.17
C ASP A 146 4.79 11.19 1.54
N PHE A 147 5.86 11.80 2.03
CA PHE A 147 7.05 11.06 2.52
C PHE A 147 6.75 10.15 3.71
N ASP A 148 5.79 10.53 4.56
CA ASP A 148 5.39 9.71 5.72
C ASP A 148 4.42 8.58 5.39
N SER A 149 4.02 8.44 4.12
CA SER A 149 3.06 7.41 3.73
C SER A 149 3.49 5.99 4.07
N ILE A 150 2.52 5.20 4.52
CA ILE A 150 2.70 3.77 4.74
C ILE A 150 3.01 3.05 3.40
N MET A 151 2.71 3.70 2.28
CA MET A 151 2.97 3.16 0.93
C MET A 151 4.32 3.57 0.38
N HIS A 152 5.11 4.34 1.14
CA HIS A 152 6.38 4.82 0.65
C HIS A 152 7.51 3.87 0.99
N TYR A 153 8.34 3.54 0.00
CA TYR A 153 9.52 2.70 0.23
C TYR A 153 10.50 3.35 1.21
N ALA A 154 11.32 2.51 1.84
CA ALA A 154 12.42 2.98 2.65
C ALA A 154 13.56 3.47 1.73
N ARG A 155 14.52 4.17 2.33
CA ARG A 155 15.71 4.66 1.60
C ARG A 155 16.54 3.57 0.85
N ASN A 156 16.52 2.34 1.36
CA ASN A 156 17.38 1.24 0.87
C ASN A 156 16.58 -0.01 0.48
N THR A 157 15.33 0.21 0.06
CA THR A 157 14.45 -0.86 -0.40
C THR A 157 15.02 -1.36 -1.73
N PHE A 158 15.15 -2.69 -1.86
CA PHE A 158 15.80 -3.34 -3.00
C PHE A 158 17.23 -2.86 -3.28
N SER A 159 17.91 -2.35 -2.25
CA SER A 159 19.29 -1.89 -2.39
C SER A 159 20.26 -3.06 -2.34
N ARG A 160 21.37 -2.91 -3.06
CA ARG A 160 22.46 -3.89 -3.02
C ARG A 160 23.10 -4.01 -1.63
N GLY A 161 23.03 -2.94 -0.83
CA GLY A 161 23.47 -2.99 0.56
C GLY A 161 22.71 -2.04 1.45
N ILE A 162 22.57 -2.41 2.73
CA ILE A 162 21.80 -1.62 3.68
C ILE A 162 22.29 -0.18 3.87
N PHE A 163 23.58 0.07 3.62
CA PHE A 163 24.13 1.43 3.72
C PHE A 163 24.08 2.22 2.42
N LEU A 164 23.52 1.64 1.37
CA LEU A 164 23.34 2.32 0.09
C LEU A 164 21.88 2.68 -0.15
N ASP A 165 21.65 3.93 -0.59
CA ASP A 165 20.29 4.41 -0.86
C ASP A 165 19.90 4.12 -2.30
N THR A 166 18.69 3.56 -2.50
CA THR A 166 18.04 3.53 -3.80
C THR A 166 17.07 4.69 -4.00
N ILE A 167 16.59 5.29 -2.90
CA ILE A 167 15.69 6.46 -2.96
C ILE A 167 16.19 7.55 -2.02
N VAL A 168 16.27 8.78 -2.55
CA VAL A 168 16.79 9.93 -1.81
C VAL A 168 15.84 11.11 -2.03
N PRO A 169 15.21 11.59 -0.94
CA PRO A 169 14.40 12.82 -1.07
C PRO A 169 15.25 14.03 -1.47
N LYS A 170 14.69 14.88 -2.32
CA LYS A 170 15.46 15.97 -2.97
C LYS A 170 15.77 17.16 -2.08
N TYR A 171 14.85 17.49 -1.19
CA TYR A 171 14.92 18.72 -0.41
C TYR A 171 14.66 18.45 1.06
N GLU A 172 15.11 19.38 1.89
CA GLU A 172 14.88 19.33 3.34
C GLU A 172 13.47 19.85 3.70
N VAL A 173 12.78 19.12 4.57
CA VAL A 173 11.47 19.52 5.15
C VAL A 173 11.66 19.67 6.67
N ASN A 174 11.28 20.84 7.20
CA ASN A 174 11.62 21.26 8.57
C ASN A 174 13.15 21.24 8.78
N GLY A 175 13.89 21.77 7.80
CA GLY A 175 15.35 21.89 7.85
C GLY A 175 16.18 20.60 7.83
N VAL A 176 15.54 19.46 7.54
CA VAL A 176 16.21 18.14 7.55
C VAL A 176 15.58 17.22 6.48
N LYS A 177 16.37 16.31 5.88
CA LYS A 177 15.81 15.40 4.87
C LYS A 177 14.76 14.49 5.53
N PRO A 178 13.59 14.34 4.89
CA PRO A 178 12.46 13.68 5.54
C PRO A 178 12.60 12.16 5.60
N PRO A 179 12.34 11.56 6.78
CA PRO A 179 12.38 10.10 6.85
C PRO A 179 11.29 9.42 6.01
N ILE A 180 11.64 8.32 5.38
CA ILE A 180 10.73 7.55 4.53
C ILE A 180 10.75 6.08 4.89
N GLY A 181 9.62 5.42 4.64
CA GLY A 181 9.50 3.99 4.80
C GLY A 181 8.93 3.53 6.12
N GLN A 182 8.28 4.42 6.88
CA GLN A 182 7.65 4.03 8.14
C GLN A 182 6.62 2.93 7.91
N ARG A 183 6.60 1.94 8.80
CA ARG A 183 5.58 0.88 8.80
C ARG A 183 4.99 0.72 10.21
N THR A 184 4.55 1.84 10.76
CA THR A 184 3.95 1.90 12.08
C THR A 184 2.44 2.11 11.97
N ARG A 185 2.03 3.13 11.21
CA ARG A 185 0.64 3.57 11.12
C ARG A 185 0.36 4.28 9.82
N LEU A 186 -0.92 4.37 9.50
CA LEU A 186 -1.37 5.28 8.46
C LEU A 186 -0.94 6.72 8.80
N SER A 187 -0.36 7.40 7.80
CA SER A 187 0.03 8.79 7.94
C SER A 187 -1.18 9.69 7.81
N LYS A 188 -1.05 10.91 8.31
CA LYS A 188 -2.04 11.99 8.12
C LYS A 188 -2.39 12.08 6.63
N GLY A 189 -1.36 12.08 5.79
CA GLY A 189 -1.54 12.11 4.35
C GLY A 189 -2.31 10.93 3.81
N ASP A 190 -2.00 9.73 4.28
CA ASP A 190 -2.72 8.53 3.84
C ASP A 190 -4.20 8.61 4.18
N ILE A 191 -4.50 9.07 5.38
CA ILE A 191 -5.88 9.16 5.87
C ILE A 191 -6.68 10.19 5.06
N ALA A 192 -6.09 11.39 4.86
CA ALA A 192 -6.71 12.45 4.07
C ALA A 192 -7.04 11.98 2.66
N GLN A 193 -6.08 11.30 2.05
CA GLN A 193 -6.19 10.86 0.66
C GLN A 193 -7.23 9.75 0.52
N ALA A 194 -7.20 8.78 1.42
CA ALA A 194 -8.16 7.68 1.42
C ALA A 194 -9.60 8.13 1.68
N ARG A 195 -9.75 9.16 2.51
CA ARG A 195 -11.07 9.72 2.78
C ARG A 195 -11.67 10.35 1.53
N LYS A 196 -10.83 11.05 0.76
CA LYS A 196 -11.29 11.62 -0.50
C LYS A 196 -11.65 10.52 -1.50
N LEU A 197 -10.78 9.51 -1.59
CA LEU A 197 -10.99 8.38 -2.52
C LEU A 197 -12.29 7.63 -2.28
N TYR A 198 -12.65 7.47 -1.02
CA TYR A 198 -13.87 6.76 -0.64
C TYR A 198 -15.03 7.69 -0.24
N LYS A 199 -14.84 9.00 -0.46
CA LYS A 199 -15.89 10.02 -0.23
C LYS A 199 -16.44 9.91 1.18
N CYS A 200 -15.55 9.84 2.16
CA CYS A 200 -15.94 9.63 3.55
C CYS A 200 -16.55 10.93 4.14
N PRO A 201 -17.49 10.79 5.07
CA PRO A 201 -18.24 11.97 5.52
C PRO A 201 -17.41 13.11 6.14
#